data_5V4F
#
_entry.id   5V4F
#
_cell.length_a   129.205
_cell.length_b   129.205
_cell.length_c   129.205
_cell.angle_alpha   90.00
_cell.angle_beta   90.00
_cell.angle_gamma   90.00
#
_symmetry.space_group_name_H-M   'P 21 3'
#
loop_
_entity.id
_entity.type
_entity.pdbx_description
1 polymer 'Putative translational inhibitor protein'
2 non-polymer GLYCEROL
3 water water
#
_entity_poly.entity_id   1
_entity_poly.type   'polypeptide(L)'
_entity_poly.pdbx_seq_one_letter_code
;SNA(MSE)NRRVINPET(MSE)YPSVPFGFSHAVEQLSGRTLHIAGQVAWNANGELVGGQDLLAQTQQVLANLKEVLRYA
GATPADVVRLRTYVVNHSPANLAAICAQIGAFYEGADPAANSFIGVQALALPELLIEIEATACLG
;
_entity_poly.pdbx_strand_id   A,B
#
# COMPACT_ATOMS: atom_id res chain seq x y z
N ASN A 5 16.04 17.56 2.78
CA ASN A 5 17.08 16.72 3.35
C ASN A 5 17.98 16.13 2.27
N ARG A 6 17.38 15.72 1.15
CA ARG A 6 18.06 15.06 0.06
C ARG A 6 17.73 15.69 -1.28
N ARG A 7 18.60 15.38 -2.25
CA ARG A 7 18.54 15.89 -3.61
C ARG A 7 18.64 14.68 -4.53
N VAL A 8 17.85 14.68 -5.57
CA VAL A 8 17.76 13.56 -6.50
C VAL A 8 18.51 13.90 -7.77
N ILE A 9 19.10 12.87 -8.39
CA ILE A 9 19.92 13.05 -9.58
C ILE A 9 19.49 12.09 -10.67
N ASN A 10 19.00 12.64 -11.80
CA ASN A 10 18.55 11.83 -12.94
C ASN A 10 19.14 12.44 -14.20
N PRO A 11 20.28 11.91 -14.64
CA PRO A 11 21.01 12.54 -15.76
C PRO A 11 20.27 12.45 -17.08
N GLU A 12 20.39 13.52 -17.86
CA GLU A 12 19.85 13.56 -19.22
C GLU A 12 20.54 12.54 -20.11
N THR A 13 21.78 12.20 -19.78
CA THR A 13 22.61 11.27 -20.53
C THR A 13 22.32 9.81 -20.17
N TYR A 15 19.18 6.62 -19.34
CA TYR A 15 17.80 6.28 -19.62
C TYR A 15 16.90 6.76 -18.49
N PRO A 16 15.64 7.08 -18.77
CA PRO A 16 14.76 7.64 -17.74
C PRO A 16 14.36 6.58 -16.73
N SER A 17 14.70 6.81 -15.47
CA SER A 17 14.45 5.80 -14.44
C SER A 17 13.13 5.99 -13.70
N VAL A 18 12.62 7.20 -13.63
CA VAL A 18 11.46 7.47 -12.78
C VAL A 18 10.20 6.75 -13.27
N PRO A 19 10.03 6.48 -14.57
CA PRO A 19 9.01 5.51 -14.99
C PRO A 19 9.07 4.19 -14.24
N PHE A 20 10.25 3.78 -13.80
CA PHE A 20 10.44 2.56 -13.04
C PHE A 20 10.33 2.77 -11.54
N GLY A 21 10.03 3.99 -11.10
CA GLY A 21 9.88 4.21 -9.68
C GLY A 21 11.19 4.28 -8.93
N PHE A 22 12.23 4.82 -9.55
CA PHE A 22 13.45 5.12 -8.83
C PHE A 22 14.21 6.22 -9.56
N SER A 23 15.16 6.82 -8.83
CA SER A 23 16.07 7.79 -9.39
C SER A 23 17.43 7.14 -9.48
N HIS A 24 18.24 7.63 -10.41
CA HIS A 24 19.54 6.98 -10.59
C HIS A 24 20.43 7.21 -9.39
N ALA A 25 20.31 8.35 -8.72
CA ALA A 25 21.07 8.53 -7.50
C ALA A 25 20.42 9.60 -6.63
N VAL A 26 20.57 9.40 -5.32
CA VAL A 26 20.16 10.37 -4.33
C VAL A 26 21.40 10.89 -3.60
N GLU A 27 21.52 12.21 -3.53
CA GLU A 27 22.56 12.85 -2.73
C GLU A 27 21.98 13.11 -1.34
N GLN A 28 22.69 12.65 -0.31
CA GLN A 28 22.30 12.86 1.08
C GLN A 28 23.20 13.92 1.68
N LEU A 29 22.64 15.08 2.01
CA LEU A 29 23.45 16.14 2.59
C LEU A 29 23.40 16.17 4.12
N SER A 30 22.34 15.62 4.72
CA SER A 30 22.19 15.56 6.16
C SER A 30 23.21 14.60 6.77
N GLY A 31 23.43 14.74 8.08
CA GLY A 31 24.34 13.87 8.78
C GLY A 31 23.69 12.60 9.32
N ARG A 32 22.52 12.72 9.95
CA ARG A 32 21.87 11.57 10.57
C ARG A 32 21.25 10.67 9.52
N THR A 33 21.69 9.41 9.49
CA THR A 33 21.16 8.36 8.62
C THR A 33 20.37 7.33 9.43
N LEU A 34 19.27 6.86 8.86
CA LEU A 34 18.45 5.82 9.47
C LEU A 34 18.53 4.58 8.59
N HIS A 35 18.92 3.45 9.16
CA HIS A 35 19.04 2.19 8.44
C HIS A 35 17.89 1.28 8.85
N ILE A 36 17.03 0.94 7.89
CA ILE A 36 15.87 0.13 8.20
C ILE A 36 16.10 -1.28 7.69
N ALA A 37 15.97 -2.25 8.58
CA ALA A 37 16.13 -3.63 8.21
C ALA A 37 15.18 -4.00 7.07
N GLY A 38 15.56 -5.04 6.33
CA GLY A 38 14.66 -5.59 5.33
C GLY A 38 13.29 -5.88 5.91
N GLN A 39 12.27 -5.22 5.38
CA GLN A 39 10.92 -5.46 5.82
C GLN A 39 10.26 -6.53 4.95
N VAL A 40 9.19 -7.11 5.50
CA VAL A 40 8.63 -8.40 5.12
C VAL A 40 7.15 -8.39 5.47
N ALA A 41 6.36 -9.20 4.75
CA ALA A 41 4.91 -9.14 4.82
C ALA A 41 4.32 -9.68 6.13
N TRP A 42 4.80 -9.21 7.27
CA TRP A 42 4.31 -9.63 8.58
C TRP A 42 3.62 -8.49 9.29
N ASN A 43 2.52 -8.80 9.97
CA ASN A 43 1.86 -7.80 10.78
C ASN A 43 2.53 -7.79 12.16
N ALA A 44 1.88 -7.17 13.15
CA ALA A 44 2.56 -7.00 14.42
C ALA A 44 2.56 -8.25 15.25
N ASN A 45 1.71 -9.22 14.93
CA ASN A 45 1.75 -10.52 15.57
C ASN A 45 2.62 -11.50 14.81
N GLY A 46 3.42 -11.02 13.86
CA GLY A 46 4.18 -11.91 12.99
C GLY A 46 3.32 -12.85 12.17
N GLU A 47 2.09 -12.47 11.89
CA GLU A 47 1.27 -13.23 10.97
C GLU A 47 1.47 -12.73 9.55
N LEU A 48 1.24 -13.63 8.59
CA LEU A 48 1.55 -13.33 7.19
C LEU A 48 0.41 -12.55 6.56
N VAL A 49 0.69 -11.34 6.11
CA VAL A 49 -0.28 -10.57 5.34
C VAL A 49 -0.07 -10.86 3.86
N GLY A 50 -1.13 -11.28 3.18
CA GLY A 50 -1.10 -11.40 1.73
C GLY A 50 -1.25 -12.80 1.20
N GLY A 51 -1.08 -13.84 2.00
CA GLY A 51 -1.08 -15.17 1.42
C GLY A 51 0.02 -15.29 0.38
N GLN A 52 -0.33 -15.92 -0.73
N GLN A 52 -0.23 -16.05 -0.68
CA GLN A 52 0.61 -16.22 -1.81
CA GLN A 52 0.81 -16.24 -1.69
C GLN A 52 0.65 -15.14 -2.89
C GLN A 52 0.66 -15.29 -2.86
N ASP A 53 -0.05 -14.03 -2.70
N ASP A 53 0.10 -14.10 -2.63
CA ASP A 53 -0.05 -12.96 -3.68
CA ASP A 53 0.01 -13.05 -3.63
C ASP A 53 1.14 -12.04 -3.43
C ASP A 53 1.16 -12.06 -3.42
N LEU A 54 2.04 -11.94 -4.42
CA LEU A 54 3.16 -11.03 -4.30
C LEU A 54 2.66 -9.61 -4.11
N LEU A 55 1.73 -9.18 -4.96
CA LEU A 55 1.22 -7.83 -4.92
C LEU A 55 0.74 -7.48 -3.51
N ALA A 56 -0.04 -8.39 -2.90
CA ALA A 56 -0.55 -8.15 -1.55
C ALA A 56 0.56 -8.07 -0.53
N GLN A 57 1.48 -9.04 -0.54
CA GLN A 57 2.63 -8.98 0.37
C GLN A 57 3.40 -7.67 0.17
N THR A 58 3.53 -7.22 -1.09
CA THR A 58 4.31 -6.01 -1.35
C THR A 58 3.70 -4.80 -0.65
N GLN A 59 2.36 -4.74 -0.62
CA GLN A 59 1.71 -3.67 0.13
C GLN A 59 2.06 -3.72 1.60
N GLN A 60 1.99 -4.89 2.22
CA GLN A 60 2.32 -4.96 3.64
C GLN A 60 3.74 -4.49 3.91
N VAL A 61 4.69 -4.93 3.09
CA VAL A 61 6.07 -4.47 3.24
C VAL A 61 6.14 -2.95 3.22
N LEU A 62 5.55 -2.33 2.18
CA LEU A 62 5.59 -0.87 2.10
C LEU A 62 4.99 -0.24 3.35
N ALA A 63 3.84 -0.76 3.78
CA ALA A 63 3.24 -0.26 5.01
C ALA A 63 4.24 -0.36 6.17
N ASN A 64 4.90 -1.51 6.29
CA ASN A 64 5.84 -1.68 7.39
C ASN A 64 6.96 -0.65 7.30
N LEU A 65 7.55 -0.50 6.12
CA LEU A 65 8.54 0.56 5.91
C LEU A 65 7.98 1.91 6.35
N LYS A 66 6.78 2.26 5.86
CA LYS A 66 6.27 3.56 6.22
C LYS A 66 6.12 3.67 7.73
N GLU A 67 5.82 2.58 8.41
CA GLU A 67 5.58 2.68 9.84
C GLU A 67 6.88 2.84 10.59
N VAL A 68 7.89 2.02 10.27
CA VAL A 68 9.21 2.21 10.87
C VAL A 68 9.70 3.62 10.63
N LEU A 69 9.55 4.12 9.40
CA LEU A 69 9.89 5.52 9.14
C LEU A 69 9.17 6.44 10.11
N ARG A 70 7.84 6.36 10.13
CA ARG A 70 7.06 7.22 11.03
C ARG A 70 7.62 7.16 12.45
N TYR A 71 7.82 5.93 12.94
CA TYR A 71 8.24 5.76 14.34
C TYR A 71 9.56 6.48 14.59
N ALA A 72 10.45 6.49 13.62
CA ALA A 72 11.73 7.14 13.79
C ALA A 72 11.67 8.65 13.56
N GLY A 73 10.51 9.16 13.13
CA GLY A 73 10.38 10.57 12.82
C GLY A 73 10.55 10.95 11.37
N ALA A 74 10.54 9.99 10.45
CA ALA A 74 10.71 10.26 9.02
C ALA A 74 9.48 9.88 8.22
N THR A 75 9.47 10.30 6.95
CA THR A 75 8.48 9.97 5.95
C THR A 75 9.15 9.29 4.76
N PRO A 76 8.40 8.77 3.79
CA PRO A 76 9.08 8.17 2.62
C PRO A 76 9.86 9.17 1.82
N ALA A 77 9.46 10.44 1.86
CA ALA A 77 10.22 11.43 1.14
C ALA A 77 11.64 11.51 1.67
N ASP A 78 11.83 11.12 2.93
CA ASP A 78 13.16 11.08 3.50
C ASP A 78 13.98 9.90 3.05
N VAL A 79 13.41 8.96 2.28
CA VAL A 79 14.14 7.75 1.95
C VAL A 79 15.20 8.08 0.94
N VAL A 80 16.41 7.63 1.20
CA VAL A 80 17.51 7.91 0.29
C VAL A 80 17.79 6.71 -0.65
N ARG A 81 17.36 5.50 -0.28
CA ARG A 81 17.67 4.30 -1.04
C ARG A 81 16.80 3.12 -0.57
N LEU A 82 16.33 2.36 -1.54
CA LEU A 82 15.60 1.12 -1.40
C LEU A 82 16.41 -0.03 -1.98
N ARG A 83 16.18 -1.23 -1.45
CA ARG A 83 16.63 -2.47 -2.07
C ARG A 83 15.45 -3.43 -2.05
N THR A 84 15.18 -4.03 -3.20
CA THR A 84 14.01 -4.88 -3.40
C THR A 84 14.45 -6.29 -3.73
N TYR A 85 13.98 -7.25 -2.94
CA TYR A 85 14.37 -8.64 -3.10
C TYR A 85 13.11 -9.45 -3.37
N VAL A 86 13.07 -10.13 -4.51
CA VAL A 86 11.87 -10.86 -4.93
C VAL A 86 12.22 -12.32 -5.19
N VAL A 87 11.37 -13.20 -4.69
CA VAL A 87 11.51 -14.64 -4.82
C VAL A 87 10.88 -15.10 -6.13
N ASN A 88 11.56 -16.02 -6.82
CA ASN A 88 11.14 -16.56 -8.13
C ASN A 88 10.52 -15.48 -9.00
N HIS A 89 11.30 -14.43 -9.22
CA HIS A 89 10.81 -13.25 -9.90
C HIS A 89 10.42 -13.58 -11.32
N SER A 90 9.30 -13.02 -11.76
CA SER A 90 8.81 -13.13 -13.11
C SER A 90 8.58 -11.74 -13.67
N PRO A 91 9.11 -11.43 -14.84
CA PRO A 91 8.95 -10.08 -15.42
C PRO A 91 7.50 -9.62 -15.54
N ALA A 92 6.54 -10.54 -15.42
CA ALA A 92 5.16 -10.13 -15.55
C ALA A 92 4.66 -9.35 -14.32
N ASN A 93 5.29 -9.53 -13.16
CA ASN A 93 4.94 -8.72 -12.00
C ASN A 93 5.72 -7.41 -11.92
N LEU A 94 6.71 -7.19 -12.79
CA LEU A 94 7.60 -6.04 -12.66
C LEU A 94 6.84 -4.71 -12.67
N ALA A 95 5.99 -4.50 -13.68
CA ALA A 95 5.18 -3.29 -13.76
C ALA A 95 4.47 -2.99 -12.43
N ALA A 96 3.74 -3.97 -11.89
CA ALA A 96 3.04 -3.74 -10.65
C ALA A 96 3.98 -3.32 -9.52
N ILE A 97 5.12 -4.00 -9.40
CA ILE A 97 6.05 -3.70 -8.32
C ILE A 97 6.61 -2.29 -8.46
N CYS A 98 7.00 -1.91 -9.67
CA CYS A 98 7.42 -0.55 -9.91
C CYS A 98 6.32 0.44 -9.56
N ALA A 99 5.08 0.12 -9.93
CA ALA A 99 4.00 1.04 -9.62
C ALA A 99 3.89 1.22 -8.12
N GLN A 100 3.96 0.11 -7.36
CA GLN A 100 3.76 0.18 -5.92
C GLN A 100 4.90 0.92 -5.24
N ILE A 101 6.14 0.68 -5.66
CA ILE A 101 7.26 1.41 -5.08
C ILE A 101 7.19 2.88 -5.47
N GLY A 102 6.87 3.17 -6.73
CA GLY A 102 6.65 4.54 -7.11
C GLY A 102 5.65 5.22 -6.21
N ALA A 103 4.54 4.56 -5.92
CA ALA A 103 3.52 5.19 -5.10
C ALA A 103 3.94 5.31 -3.65
N PHE A 104 4.97 4.55 -3.25
CA PHE A 104 5.37 4.55 -1.85
C PHE A 104 5.90 5.90 -1.43
N TYR A 105 6.42 6.68 -2.36
CA TYR A 105 7.01 7.97 -2.03
C TYR A 105 5.98 9.06 -1.89
N GLU A 106 4.70 8.72 -2.05
CA GLU A 106 3.60 9.65 -1.86
C GLU A 106 3.88 11.00 -2.54
N GLY A 107 4.36 10.93 -3.78
CA GLY A 107 4.53 12.12 -4.60
C GLY A 107 5.92 12.69 -4.62
N ALA A 108 6.75 12.36 -3.63
CA ALA A 108 8.14 12.76 -3.61
C ALA A 108 8.91 12.13 -4.79
N ASP A 109 10.03 12.76 -5.16
CA ASP A 109 10.92 12.11 -6.10
C ASP A 109 11.34 10.76 -5.53
N PRO A 110 11.36 9.71 -6.33
CA PRO A 110 11.69 8.38 -5.80
C PRO A 110 13.17 8.23 -5.50
N ALA A 111 13.48 7.42 -4.48
CA ALA A 111 14.86 7.15 -4.08
C ALA A 111 15.53 6.22 -5.09
N ALA A 112 16.80 5.94 -4.85
CA ALA A 112 17.46 4.92 -5.66
C ALA A 112 16.97 3.55 -5.22
N ASN A 113 16.90 2.62 -6.17
CA ASN A 113 16.44 1.27 -5.86
C ASN A 113 17.37 0.27 -6.53
N SER A 114 17.36 -0.95 -6.03
CA SER A 114 17.95 -2.10 -6.74
C SER A 114 16.93 -3.22 -6.71
N PHE A 115 16.75 -3.87 -7.83
CA PHE A 115 15.73 -4.91 -7.95
C PHE A 115 16.40 -6.24 -8.17
N ILE A 116 16.34 -7.11 -7.17
CA ILE A 116 17.10 -8.35 -7.18
C ILE A 116 16.15 -9.54 -7.07
N GLY A 117 16.23 -10.44 -8.04
CA GLY A 117 15.50 -11.69 -7.98
C GLY A 117 16.28 -12.78 -7.25
N VAL A 118 15.83 -13.10 -6.04
CA VAL A 118 16.54 -14.00 -5.17
C VAL A 118 15.98 -15.41 -5.27
N GLN A 119 16.65 -16.35 -4.60
CA GLN A 119 16.20 -17.73 -4.55
C GLN A 119 15.21 -17.98 -3.42
N ALA A 120 15.42 -17.32 -2.27
CA ALA A 120 14.54 -17.52 -1.12
C ALA A 120 14.67 -16.34 -0.17
N LEU A 121 13.70 -16.23 0.72
CA LEU A 121 13.81 -15.35 1.86
C LEU A 121 13.90 -16.20 3.11
N ALA A 122 13.83 -15.55 4.27
CA ALA A 122 14.03 -16.24 5.55
C ALA A 122 13.17 -17.48 5.67
N LEU A 123 11.90 -17.38 5.27
CA LEU A 123 10.95 -18.49 5.30
C LEU A 123 10.25 -18.61 3.97
N PRO A 124 9.81 -19.83 3.63
CA PRO A 124 9.15 -20.09 2.34
C PRO A 124 7.97 -19.20 2.07
N GLU A 125 7.17 -18.93 3.09
CA GLU A 125 5.98 -18.12 2.87
C GLU A 125 6.35 -16.72 2.37
N LEU A 126 7.57 -16.26 2.63
CA LEU A 126 7.97 -14.89 2.30
C LEU A 126 8.32 -14.75 0.83
N LEU A 127 7.75 -13.74 0.18
CA LEU A 127 7.93 -13.58 -1.26
C LEU A 127 8.63 -12.31 -1.67
N ILE A 128 8.63 -11.28 -0.84
CA ILE A 128 9.34 -10.05 -1.15
C ILE A 128 9.89 -9.48 0.14
N GLU A 129 11.06 -8.87 0.05
CA GLU A 129 11.66 -8.12 1.14
C GLU A 129 12.22 -6.81 0.59
N ILE A 130 11.89 -5.70 1.24
CA ILE A 130 12.44 -4.40 0.87
C ILE A 130 13.09 -3.75 2.07
N GLU A 131 14.37 -3.37 1.93
CA GLU A 131 15.04 -2.57 2.96
C GLU A 131 15.17 -1.11 2.51
N ALA A 132 15.37 -0.22 3.48
CA ALA A 132 15.48 1.20 3.17
C ALA A 132 16.57 1.89 4.00
N THR A 133 17.10 2.96 3.41
CA THR A 133 17.96 3.91 4.10
C THR A 133 17.38 5.31 3.93
N ALA A 134 17.39 6.10 5.01
CA ALA A 134 16.85 7.45 4.96
C ALA A 134 17.73 8.39 5.78
N CYS A 135 17.50 9.68 5.62
CA CYS A 135 18.21 10.66 6.43
C CYS A 135 17.22 11.45 7.25
N LEU A 136 17.74 12.30 8.14
CA LEU A 136 16.93 12.96 9.15
C LEU A 136 17.22 14.44 9.29
N ASN B 5 -14.46 -5.50 19.87
CA ASN B 5 -15.42 -4.52 19.34
C ASN B 5 -16.04 -4.94 18.02
N ARG B 6 -15.46 -5.91 17.32
CA ARG B 6 -15.77 -6.20 15.93
C ARG B 6 -15.87 -7.71 15.77
N ARG B 7 -16.83 -8.16 14.96
CA ARG B 7 -17.08 -9.59 14.78
C ARG B 7 -17.56 -9.74 13.35
N VAL B 8 -16.95 -10.61 12.57
CA VAL B 8 -17.37 -10.71 11.17
C VAL B 8 -18.22 -11.97 10.97
N ILE B 9 -19.14 -11.89 10.01
CA ILE B 9 -20.11 -12.94 9.72
C ILE B 9 -19.86 -13.38 8.29
N ASN B 10 -19.53 -14.66 8.11
CA ASN B 10 -19.31 -15.23 6.79
C ASN B 10 -20.06 -16.55 6.75
N PRO B 11 -21.30 -16.54 6.27
CA PRO B 11 -22.15 -17.73 6.37
C PRO B 11 -21.67 -18.86 5.48
N GLU B 12 -21.91 -20.08 5.97
CA GLU B 12 -21.57 -21.29 5.22
C GLU B 12 -22.52 -21.47 4.05
N THR B 13 -23.74 -20.98 4.20
CA THR B 13 -24.82 -21.00 3.22
C THR B 13 -24.64 -19.94 2.15
N TYR B 15 -21.66 -17.78 -0.59
CA TYR B 15 -20.39 -18.01 -1.28
C TYR B 15 -19.25 -17.38 -0.50
N PRO B 16 -18.03 -17.91 -0.65
CA PRO B 16 -16.89 -17.38 0.12
C PRO B 16 -16.49 -15.99 -0.36
N SER B 17 -16.51 -15.04 0.57
CA SER B 17 -16.18 -13.67 0.21
C SER B 17 -14.72 -13.31 0.46
N VAL B 18 -14.10 -13.92 1.46
CA VAL B 18 -12.76 -13.49 1.90
C VAL B 18 -11.71 -13.59 0.79
N PRO B 19 -11.81 -14.54 -0.16
CA PRO B 19 -10.97 -14.45 -1.37
C PRO B 19 -11.04 -13.10 -2.07
N PHE B 20 -12.19 -12.45 -2.06
CA PHE B 20 -12.35 -11.14 -2.67
C PHE B 20 -11.96 -10.01 -1.72
N GLY B 21 -11.44 -10.34 -0.54
CA GLY B 21 -11.03 -9.32 0.39
C GLY B 21 -12.17 -8.61 1.09
N PHE B 22 -13.23 -9.34 1.42
CA PHE B 22 -14.26 -8.77 2.27
C PHE B 22 -15.04 -9.87 2.95
N SER B 23 -15.71 -9.49 4.03
CA SER B 23 -16.67 -10.33 4.72
C SER B 23 -18.08 -9.90 4.36
N HIS B 24 -19.00 -10.84 4.42
CA HIS B 24 -20.38 -10.52 4.06
C HIS B 24 -21.00 -9.55 5.05
N ALA B 25 -20.58 -9.60 6.31
CA ALA B 25 -21.09 -8.64 7.26
C ALA B 25 -20.17 -8.56 8.45
N VAL B 26 -20.11 -7.37 9.04
CA VAL B 26 -19.41 -7.13 10.29
C VAL B 26 -20.43 -6.70 11.34
N GLU B 27 -20.37 -7.32 12.51
CA GLU B 27 -21.15 -6.90 13.67
C GLU B 27 -20.31 -5.88 14.45
N GLN B 28 -20.83 -4.65 14.58
CA GLN B 28 -20.20 -3.63 15.41
C GLN B 28 -20.81 -3.67 16.79
N LEU B 29 -20.00 -4.02 17.79
CA LEU B 29 -20.49 -4.18 19.15
C LEU B 29 -20.26 -2.94 20.00
N SER B 30 -19.13 -2.26 19.81
CA SER B 30 -18.79 -1.05 20.55
C SER B 30 -19.70 0.10 20.13
N GLY B 31 -19.64 1.18 20.90
CA GLY B 31 -20.54 2.29 20.67
C GLY B 31 -19.99 3.40 19.80
N ARG B 32 -18.71 3.72 19.96
CA ARG B 32 -18.13 4.82 19.20
C ARG B 32 -17.87 4.41 17.75
N THR B 33 -18.34 5.23 16.81
CA THR B 33 -18.15 4.99 15.39
C THR B 33 -17.31 6.11 14.77
N LEU B 34 -16.41 5.73 13.86
CA LEU B 34 -15.59 6.68 13.12
C LEU B 34 -16.01 6.63 11.66
N HIS B 35 -16.41 7.77 11.12
CA HIS B 35 -16.81 7.87 9.71
C HIS B 35 -15.70 8.55 8.95
N ILE B 36 -15.04 7.82 8.07
CA ILE B 36 -13.93 8.39 7.32
C ILE B 36 -14.41 8.74 5.92
N ALA B 37 -14.17 9.99 5.53
CA ALA B 37 -14.55 10.43 4.20
C ALA B 37 -13.85 9.58 3.16
N GLY B 38 -14.48 9.48 1.98
CA GLY B 38 -13.86 8.85 0.85
C GLY B 38 -12.49 9.42 0.57
N GLN B 39 -11.50 8.55 0.60
CA GLN B 39 -10.12 8.95 0.34
C GLN B 39 -9.76 8.70 -1.12
N VAL B 40 -8.63 9.30 -1.51
CA VAL B 40 -8.29 9.67 -2.87
C VAL B 40 -6.79 9.83 -2.94
N ALA B 41 -6.22 9.57 -4.12
CA ALA B 41 -4.77 9.49 -4.29
C ALA B 41 -4.03 10.84 -4.19
N TRP B 42 -4.27 11.59 -3.11
CA TRP B 42 -3.56 12.84 -2.87
C TRP B 42 -2.60 12.73 -1.70
N ASN B 43 -1.43 13.35 -1.83
CA ASN B 43 -0.50 13.43 -0.72
C ASN B 43 -0.89 14.64 0.13
N ALA B 44 -0.02 15.04 1.07
CA ALA B 44 -0.47 16.07 2.00
C ALA B 44 -0.50 17.43 1.35
N ASN B 45 0.13 17.59 0.18
CA ASN B 45 0.06 18.86 -0.54
C ASN B 45 -1.01 18.84 -1.61
N GLY B 46 -1.93 17.87 -1.55
CA GLY B 46 -2.89 17.71 -2.62
C GLY B 46 -2.29 17.37 -3.97
N GLU B 47 -1.06 16.87 -3.98
CA GLU B 47 -0.48 16.38 -5.22
C GLU B 47 -0.91 14.94 -5.51
N LEU B 48 -1.11 14.64 -6.79
CA LEU B 48 -1.60 13.34 -7.20
C LEU B 48 -0.49 12.31 -7.11
N VAL B 49 -0.78 11.19 -6.47
CA VAL B 49 0.17 10.10 -6.33
C VAL B 49 -0.29 8.99 -7.27
N GLY B 50 0.61 8.55 -8.13
CA GLY B 50 0.36 7.36 -8.93
C GLY B 50 0.11 7.62 -10.39
N GLY B 51 -0.02 8.89 -10.79
CA GLY B 51 -0.26 9.16 -12.19
C GLY B 51 -1.56 8.52 -12.64
N GLN B 52 -1.50 7.92 -13.83
N GLN B 52 -1.58 8.01 -13.87
CA GLN B 52 -2.63 7.28 -14.46
CA GLN B 52 -2.80 7.41 -14.37
C GLN B 52 -2.80 5.82 -14.06
C GLN B 52 -2.80 5.89 -14.18
N ASP B 53 -1.96 5.32 -13.16
N ASP B 53 -2.06 5.39 -13.20
CA ASP B 53 -1.98 3.91 -12.80
CA ASP B 53 -2.06 3.97 -12.86
C ASP B 53 -2.98 3.69 -11.66
C ASP B 53 -3.02 3.74 -11.70
N LEU B 54 -4.04 2.93 -11.94
CA LEU B 54 -5.00 2.60 -10.90
C LEU B 54 -4.31 1.95 -9.71
N LEU B 55 -3.56 0.88 -9.98
CA LEU B 55 -2.92 0.13 -8.90
C LEU B 55 -2.18 1.06 -7.95
N ALA B 56 -1.41 2.00 -8.51
CA ALA B 56 -0.63 2.94 -7.71
C ALA B 56 -1.53 3.87 -6.90
N GLN B 57 -2.51 4.50 -7.57
CA GLN B 57 -3.45 5.35 -6.85
C GLN B 57 -4.14 4.61 -5.71
N THR B 58 -4.46 3.33 -5.93
CA THR B 58 -5.13 2.55 -4.89
C THR B 58 -4.28 2.49 -3.61
N GLN B 59 -3.00 2.18 -3.77
CA GLN B 59 -2.08 2.21 -2.65
C GLN B 59 -2.14 3.52 -1.88
N GLN B 60 -2.04 4.65 -2.57
CA GLN B 60 -2.10 5.92 -1.84
C GLN B 60 -3.38 6.05 -1.04
N VAL B 61 -4.52 5.68 -1.65
CA VAL B 61 -5.79 5.73 -0.94
C VAL B 61 -5.71 4.91 0.34
N LEU B 62 -5.30 3.63 0.22
CA LEU B 62 -5.18 2.79 1.41
C LEU B 62 -4.27 3.45 2.44
N ALA B 63 -3.14 4.00 1.99
CA ALA B 63 -2.23 4.68 2.92
C ALA B 63 -2.94 5.81 3.64
N ASN B 64 -3.78 6.56 2.92
CA ASN B 64 -4.51 7.66 3.55
C ASN B 64 -5.53 7.14 4.54
N LEU B 65 -6.29 6.12 4.17
CA LEU B 65 -7.20 5.51 5.13
C LEU B 65 -6.43 5.06 6.38
N LYS B 66 -5.31 4.35 6.19
CA LYS B 66 -4.58 3.90 7.35
C LYS B 66 -4.14 5.08 8.20
N GLU B 67 -3.83 6.20 7.54
CA GLU B 67 -3.33 7.36 8.28
C GLU B 67 -4.42 8.03 9.06
N VAL B 68 -5.57 8.29 8.41
CA VAL B 68 -6.72 8.86 9.11
C VAL B 68 -7.10 7.98 10.29
N LEU B 69 -7.16 6.66 10.08
CA LEU B 69 -7.36 5.75 11.20
C LEU B 69 -6.33 5.99 12.29
N ARG B 70 -5.04 5.86 11.94
CA ARG B 70 -3.96 6.15 12.87
C ARG B 70 -4.25 7.39 13.67
N TYR B 71 -4.68 8.45 12.99
CA TYR B 71 -4.83 9.73 13.66
C TYR B 71 -5.94 9.67 14.70
N ALA B 72 -7.01 8.96 14.40
CA ALA B 72 -8.16 8.87 15.28
C ALA B 72 -7.98 7.83 16.38
N GLY B 73 -6.84 7.15 16.42
CA GLY B 73 -6.61 6.12 17.41
C GLY B 73 -7.05 4.73 17.02
N ALA B 74 -7.13 4.42 15.72
CA ALA B 74 -7.65 3.15 15.25
C ALA B 74 -6.66 2.51 14.29
N THR B 75 -6.90 1.25 13.98
CA THR B 75 -6.16 0.49 12.98
C THR B 75 -7.12 -0.07 11.94
N PRO B 76 -6.60 -0.66 10.85
CA PRO B 76 -7.51 -1.28 9.88
C PRO B 76 -8.34 -2.39 10.47
N ALA B 77 -7.80 -3.10 11.47
CA ALA B 77 -8.57 -4.15 12.12
C ALA B 77 -9.85 -3.60 12.72
N ASP B 78 -9.89 -2.29 12.99
CA ASP B 78 -11.06 -1.65 13.54
C ASP B 78 -12.09 -1.30 12.48
N VAL B 79 -11.76 -1.50 11.21
CA VAL B 79 -12.64 -1.04 10.15
C VAL B 79 -13.83 -1.97 10.07
N VAL B 80 -15.01 -1.38 10.03
CA VAL B 80 -16.21 -2.20 9.99
C VAL B 80 -16.79 -2.27 8.57
N ARG B 81 -16.49 -1.30 7.70
CA ARG B 81 -17.04 -1.30 6.35
C ARG B 81 -16.21 -0.40 5.44
N LEU B 82 -16.12 -0.84 4.19
CA LEU B 82 -15.47 -0.14 3.09
C LEU B 82 -16.49 0.07 1.98
N ARG B 83 -16.25 1.13 1.19
CA ARG B 83 -16.96 1.33 -0.07
C ARG B 83 -15.91 1.73 -1.08
N THR B 84 -15.81 0.97 -2.15
CA THR B 84 -14.80 1.19 -3.18
C THR B 84 -15.47 1.72 -4.44
N TYR B 85 -14.99 2.87 -4.92
CA TYR B 85 -15.50 3.49 -6.14
C TYR B 85 -14.37 3.59 -7.17
N VAL B 86 -14.60 3.05 -8.36
CA VAL B 86 -13.57 3.01 -9.39
C VAL B 86 -14.12 3.59 -10.68
N VAL B 87 -13.33 4.43 -11.32
CA VAL B 87 -13.69 5.03 -12.60
C VAL B 87 -13.35 4.07 -13.73
N ASN B 88 -14.20 4.03 -14.76
CA ASN B 88 -14.06 3.17 -15.94
C ASN B 88 -13.48 1.82 -15.57
N HIS B 89 -14.18 1.15 -14.67
CA HIS B 89 -13.72 -0.12 -14.15
C HIS B 89 -13.66 -1.18 -15.24
N SER B 90 -12.54 -1.90 -15.28
CA SER B 90 -12.35 -3.01 -16.16
C SER B 90 -12.13 -4.24 -15.30
N PRO B 91 -12.90 -5.33 -15.50
CA PRO B 91 -12.73 -6.53 -14.67
C PRO B 91 -11.30 -7.07 -14.69
N ALA B 92 -10.50 -6.66 -15.67
CA ALA B 92 -9.10 -7.07 -15.70
C ALA B 92 -8.32 -6.57 -14.48
N ASN B 93 -8.70 -5.42 -13.90
CA ASN B 93 -8.06 -4.89 -12.71
C ASN B 93 -8.64 -5.43 -11.40
N LEU B 94 -9.71 -6.22 -11.44
CA LEU B 94 -10.44 -6.56 -10.21
C LEU B 94 -9.57 -7.35 -9.25
N ALA B 95 -8.97 -8.44 -9.73
CA ALA B 95 -8.08 -9.26 -8.90
C ALA B 95 -7.07 -8.41 -8.14
N ALA B 96 -6.35 -7.53 -8.86
CA ALA B 96 -5.39 -6.65 -8.21
C ALA B 96 -6.03 -5.87 -7.05
N ILE B 97 -7.20 -5.27 -7.30
CA ILE B 97 -7.81 -4.38 -6.31
C ILE B 97 -8.19 -5.17 -5.06
N CYS B 98 -8.93 -6.27 -5.24
CA CYS B 98 -9.23 -7.16 -4.11
C CYS B 98 -7.97 -7.52 -3.34
N ALA B 99 -6.89 -7.85 -4.06
CA ALA B 99 -5.63 -8.17 -3.40
C ALA B 99 -5.21 -7.05 -2.47
N GLN B 100 -5.27 -5.81 -2.96
CA GLN B 100 -4.77 -4.70 -2.17
C GLN B 100 -5.71 -4.40 -1.00
N ILE B 101 -7.02 -4.44 -1.26
CA ILE B 101 -8.00 -4.24 -0.19
C ILE B 101 -7.79 -5.26 0.91
N GLY B 102 -7.66 -6.53 0.53
CA GLY B 102 -7.46 -7.55 1.55
C GLY B 102 -6.21 -7.32 2.37
N ALA B 103 -5.13 -6.92 1.72
CA ALA B 103 -3.89 -6.68 2.46
C ALA B 103 -3.99 -5.46 3.36
N PHE B 104 -4.90 -4.54 3.03
CA PHE B 104 -5.08 -3.36 3.85
C PHE B 104 -5.36 -3.71 5.30
N TYR B 105 -6.02 -4.84 5.53
CA TYR B 105 -6.41 -5.21 6.88
C TYR B 105 -5.26 -5.80 7.68
N GLU B 106 -4.09 -5.95 7.05
CA GLU B 106 -2.89 -6.38 7.73
C GLU B 106 -3.13 -7.63 8.59
N GLY B 107 -3.88 -8.58 8.04
CA GLY B 107 -4.03 -9.87 8.66
C GLY B 107 -5.28 -10.03 9.48
N ALA B 108 -5.95 -8.93 9.78
CA ALA B 108 -7.27 -8.97 10.40
C ALA B 108 -8.31 -9.51 9.41
N ASP B 109 -9.42 -10.01 9.97
CA ASP B 109 -10.52 -10.38 9.10
C ASP B 109 -11.00 -9.16 8.35
N PRO B 110 -11.28 -9.26 7.05
CA PRO B 110 -11.67 -8.08 6.27
C PRO B 110 -13.11 -7.64 6.52
N ALA B 111 -13.35 -6.33 6.41
CA ALA B 111 -14.65 -5.73 6.63
C ALA B 111 -15.58 -5.96 5.44
N ALA B 112 -16.81 -5.48 5.55
CA ALA B 112 -17.69 -5.49 4.40
C ALA B 112 -17.19 -4.48 3.38
N ASN B 113 -17.41 -4.78 2.11
CA ASN B 113 -17.05 -3.85 1.06
C ASN B 113 -18.19 -3.79 0.07
N SER B 114 -18.27 -2.68 -0.65
CA SER B 114 -19.12 -2.60 -1.84
C SER B 114 -18.25 -2.09 -2.97
N PHE B 115 -18.34 -2.73 -4.12
CA PHE B 115 -17.46 -2.42 -5.22
C PHE B 115 -18.26 -1.78 -6.35
N ILE B 116 -18.04 -0.49 -6.58
CA ILE B 116 -18.92 0.26 -7.46
C ILE B 116 -18.08 0.91 -8.56
N GLY B 117 -18.45 0.64 -9.80
CA GLY B 117 -17.79 1.27 -10.93
C GLY B 117 -18.53 2.51 -11.35
N VAL B 118 -17.93 3.65 -11.07
CA VAL B 118 -18.56 4.92 -11.29
C VAL B 118 -18.13 5.48 -12.65
N GLN B 119 -18.73 6.61 -13.06
CA GLN B 119 -18.30 7.23 -14.30
C GLN B 119 -17.26 8.32 -14.08
N ALA B 120 -17.08 8.80 -12.84
CA ALA B 120 -16.16 9.88 -12.55
C ALA B 120 -16.04 10.07 -11.05
N LEU B 121 -14.90 10.64 -10.63
CA LEU B 121 -14.73 11.19 -9.29
C LEU B 121 -14.69 12.72 -9.39
N ALA B 122 -14.26 13.37 -8.31
CA ALA B 122 -14.40 14.82 -8.22
C ALA B 122 -13.55 15.54 -9.25
N LEU B 123 -12.39 15.00 -9.59
CA LEU B 123 -11.56 15.51 -10.66
C LEU B 123 -11.14 14.37 -11.57
N PRO B 124 -10.84 14.67 -12.84
CA PRO B 124 -10.57 13.60 -13.80
C PRO B 124 -9.33 12.79 -13.51
N GLU B 125 -8.33 13.36 -12.82
CA GLU B 125 -7.16 12.58 -12.49
C GLU B 125 -7.50 11.44 -11.56
N LEU B 126 -8.55 11.62 -10.75
CA LEU B 126 -8.90 10.65 -9.72
C LEU B 126 -9.50 9.40 -10.34
N LEU B 127 -8.90 8.24 -10.04
CA LEU B 127 -9.34 6.97 -10.58
C LEU B 127 -10.01 6.06 -9.57
N ILE B 128 -9.84 6.30 -8.28
CA ILE B 128 -10.43 5.44 -7.26
C ILE B 128 -10.64 6.24 -6.01
N GLU B 129 -11.75 5.97 -5.34
CA GLU B 129 -12.06 6.54 -4.03
C GLU B 129 -12.57 5.41 -3.13
N ILE B 130 -11.99 5.31 -1.93
CA ILE B 130 -12.46 4.35 -0.93
C ILE B 130 -12.83 5.08 0.36
N GLU B 131 -14.06 4.87 0.84
CA GLU B 131 -14.46 5.40 2.14
C GLU B 131 -14.51 4.27 3.18
N ALA B 132 -14.44 4.65 4.46
CA ALA B 132 -14.40 3.66 5.52
C ALA B 132 -15.26 4.06 6.71
N THR B 133 -15.71 3.03 7.41
CA THR B 133 -16.37 3.15 8.71
C THR B 133 -15.69 2.19 9.68
N ALA B 134 -15.44 2.65 10.89
CA ALA B 134 -14.74 1.85 11.89
C ALA B 134 -15.30 2.14 13.27
N CYS B 135 -14.93 1.31 14.24
CA CYS B 135 -15.41 1.50 15.60
C CYS B 135 -14.24 1.65 16.57
N LEU B 136 -14.53 2.14 17.78
CA LEU B 136 -13.47 2.51 18.72
C LEU B 136 -13.58 1.86 20.10
#